data_2K37
#
_entry.id   2K37
#
_entity_poly.entity_id   1
_entity_poly.type   'polypeptide(L)'
_entity_poly.pdbx_seq_one_letter_code
;MSGGGVFTDILAAAGRIFEVMVEGHWETVGMLFDSLGKGTMRINRNAYGSMGGGSLRGS
;
_entity_poly.pdbx_strand_id   A
#
# COMPACT_ATOMS: atom_id res chain seq x y z
N MET A 1 -16.33 -29.85 -2.56
CA MET A 1 -16.47 -28.37 -2.58
C MET A 1 -17.63 -27.93 -1.69
N SER A 2 -17.80 -28.61 -0.57
CA SER A 2 -18.88 -28.28 0.36
C SER A 2 -18.31 -27.90 1.73
N GLY A 3 -18.37 -26.61 2.05
CA GLY A 3 -17.86 -26.14 3.33
C GLY A 3 -16.84 -25.03 3.16
N GLY A 4 -15.59 -25.39 2.90
CA GLY A 4 -14.55 -24.41 2.74
C GLY A 4 -13.91 -24.47 1.36
N GLY A 5 -14.22 -25.53 0.61
CA GLY A 5 -13.65 -25.67 -0.71
C GLY A 5 -14.03 -24.50 -1.60
N VAL A 6 -15.32 -24.34 -1.82
CA VAL A 6 -15.84 -23.25 -2.64
C VAL A 6 -15.56 -21.90 -2.02
N PHE A 7 -15.80 -21.83 -0.71
CA PHE A 7 -15.59 -20.59 0.04
C PHE A 7 -14.15 -20.09 -0.10
N THR A 8 -13.18 -21.00 0.00
CA THR A 8 -11.79 -20.60 -0.14
C THR A 8 -11.51 -20.12 -1.56
N ASP A 9 -12.24 -20.69 -2.52
CA ASP A 9 -12.11 -20.28 -3.92
C ASP A 9 -12.62 -18.87 -4.04
N ILE A 10 -13.68 -18.61 -3.29
CA ILE A 10 -14.29 -17.30 -3.24
C ILE A 10 -13.28 -16.34 -2.64
N LEU A 11 -12.58 -16.86 -1.63
CA LEU A 11 -11.54 -16.13 -0.93
C LEU A 11 -10.37 -15.90 -1.87
N ALA A 12 -10.10 -16.92 -2.69
CA ALA A 12 -9.03 -16.87 -3.65
C ALA A 12 -9.37 -15.85 -4.73
N ALA A 13 -10.64 -15.84 -5.12
CA ALA A 13 -11.12 -14.93 -6.13
C ALA A 13 -11.04 -13.50 -5.63
N ALA A 14 -11.71 -13.24 -4.50
CA ALA A 14 -11.70 -11.90 -3.90
C ALA A 14 -10.27 -11.45 -3.64
N GLY A 15 -9.47 -12.34 -3.07
CA GLY A 15 -8.10 -12.01 -2.81
C GLY A 15 -7.40 -11.61 -4.08
N ARG A 16 -7.67 -12.37 -5.13
CA ARG A 16 -7.11 -12.12 -6.44
C ARG A 16 -7.73 -10.86 -7.04
N ILE A 17 -9.00 -10.63 -6.72
CA ILE A 17 -9.70 -9.46 -7.22
C ILE A 17 -9.04 -8.25 -6.62
N PHE A 18 -9.12 -8.23 -5.32
CA PHE A 18 -8.54 -7.20 -4.50
C PHE A 18 -7.07 -7.02 -4.84
N GLU A 19 -6.39 -8.13 -5.09
CA GLU A 19 -4.97 -8.10 -5.42
C GLU A 19 -4.74 -7.34 -6.71
N VAL A 20 -5.42 -7.76 -7.77
CA VAL A 20 -5.27 -7.09 -9.05
C VAL A 20 -5.78 -5.67 -8.91
N MET A 21 -6.68 -5.49 -7.95
CA MET A 21 -7.25 -4.20 -7.63
C MET A 21 -6.20 -3.37 -6.91
N VAL A 22 -5.34 -4.08 -6.18
CA VAL A 22 -4.28 -3.46 -5.41
C VAL A 22 -3.14 -3.00 -6.33
N GLU A 23 -2.81 -3.83 -7.32
CA GLU A 23 -1.76 -3.49 -8.25
C GLU A 23 -2.08 -2.17 -8.93
N GLY A 24 -3.34 -2.01 -9.29
CA GLY A 24 -3.78 -0.79 -9.92
C GLY A 24 -3.71 0.37 -8.94
N HIS A 25 -3.87 0.06 -7.65
CA HIS A 25 -3.80 1.09 -6.63
C HIS A 25 -2.43 1.74 -6.67
N TRP A 26 -1.41 0.89 -6.70
CA TRP A 26 -0.05 1.37 -6.73
C TRP A 26 0.34 1.86 -8.12
N GLU A 27 -0.53 1.66 -9.08
CA GLU A 27 -0.25 2.16 -10.41
C GLU A 27 -0.32 3.67 -10.40
N THR A 28 -1.31 4.18 -9.67
CA THR A 28 -1.50 5.60 -9.55
C THR A 28 -0.53 6.20 -8.55
N VAL A 29 -0.02 5.36 -7.63
CA VAL A 29 0.90 5.84 -6.62
C VAL A 29 2.15 6.43 -7.24
N GLY A 30 2.56 5.88 -8.36
CA GLY A 30 3.72 6.42 -9.05
C GLY A 30 3.58 7.92 -9.25
N MET A 31 2.38 8.42 -8.90
CA MET A 31 2.06 9.83 -8.99
C MET A 31 2.05 10.46 -7.60
N LEU A 32 1.07 10.06 -6.79
CA LEU A 32 0.93 10.58 -5.43
C LEU A 32 2.18 10.25 -4.60
N PHE A 33 2.68 9.05 -4.79
CA PHE A 33 3.87 8.59 -4.08
C PHE A 33 5.06 9.41 -4.52
N ASP A 34 5.11 9.71 -5.81
CA ASP A 34 6.19 10.48 -6.39
C ASP A 34 6.25 11.87 -5.79
N SER A 35 5.08 12.41 -5.46
CA SER A 35 4.99 13.75 -4.89
C SER A 35 5.77 13.82 -3.57
N LEU A 36 5.95 12.68 -2.94
CA LEU A 36 6.68 12.63 -1.67
C LEU A 36 7.43 11.31 -1.50
N GLY A 37 7.93 10.79 -2.61
CA GLY A 37 8.72 9.57 -2.58
C GLY A 37 9.97 9.77 -3.39
N LYS A 38 9.80 10.45 -4.50
CA LYS A 38 10.89 10.79 -5.40
C LYS A 38 11.62 11.98 -4.82
N GLY A 39 10.84 12.98 -4.47
CA GLY A 39 11.39 14.18 -3.88
C GLY A 39 11.75 13.96 -2.45
N THR A 40 11.04 13.04 -1.79
CA THR A 40 11.31 12.75 -0.40
C THR A 40 12.70 12.13 -0.23
N MET A 41 13.07 11.27 -1.16
CA MET A 41 14.37 10.62 -1.15
C MET A 41 15.47 11.64 -0.88
N ARG A 42 15.29 12.84 -1.43
CA ARG A 42 16.25 13.92 -1.22
C ARG A 42 16.17 14.40 0.23
N ILE A 43 14.95 14.54 0.71
CA ILE A 43 14.70 14.98 2.09
C ILE A 43 15.37 14.02 3.06
N ASN A 44 15.11 12.74 2.87
CA ASN A 44 15.67 11.69 3.70
C ASN A 44 17.19 11.67 3.61
N ARG A 45 17.71 11.65 2.39
CA ARG A 45 19.15 11.62 2.19
C ARG A 45 19.80 12.77 2.93
N ASN A 46 19.24 13.96 2.78
CA ASN A 46 19.77 15.11 3.48
C ASN A 46 19.55 14.91 4.97
N ALA A 47 18.37 14.41 5.31
CA ALA A 47 18.01 14.12 6.68
C ALA A 47 18.83 12.96 7.21
N TYR A 48 19.66 12.39 6.34
CA TYR A 48 20.53 11.29 6.72
C TYR A 48 22.00 11.61 6.44
N GLY A 49 22.26 12.67 5.69
CA GLY A 49 23.62 13.06 5.37
C GLY A 49 24.45 13.34 6.61
N SER A 50 23.78 13.48 7.74
CA SER A 50 24.43 13.75 9.02
C SER A 50 23.45 13.52 10.17
N MET A 51 22.17 13.78 9.89
CA MET A 51 21.11 13.61 10.87
C MET A 51 20.85 12.13 11.15
N GLY A 52 21.11 11.29 10.16
CA GLY A 52 20.90 9.87 10.30
C GLY A 52 22.19 9.07 10.31
N GLY A 53 23.23 9.63 10.92
CA GLY A 53 24.50 8.95 10.98
C GLY A 53 25.42 9.55 12.02
N GLY A 54 24.96 10.62 12.67
CA GLY A 54 25.76 11.27 13.69
C GLY A 54 24.92 11.79 14.84
N SER A 55 23.85 12.50 14.52
CA SER A 55 22.95 13.05 15.53
C SER A 55 22.15 11.95 16.20
N LEU A 56 21.46 11.16 15.38
CA LEU A 56 20.64 10.07 15.90
C LEU A 56 21.23 8.71 15.54
N ARG A 57 22.07 8.71 14.51
CA ARG A 57 22.73 7.50 14.03
C ARG A 57 21.75 6.34 13.88
N GLY A 58 20.47 6.66 13.72
CA GLY A 58 19.45 5.64 13.56
C GLY A 58 19.45 4.62 14.69
N SER A 59 19.84 5.07 15.89
CA SER A 59 19.87 4.19 17.05
C SER A 59 20.08 5.00 18.32
N MET A 1 -16.90 -31.28 4.79
CA MET A 1 -17.44 -30.95 3.45
C MET A 1 -18.48 -29.85 3.55
N SER A 2 -18.11 -28.75 4.20
CA SER A 2 -19.02 -27.62 4.37
C SER A 2 -18.28 -26.40 4.88
N GLY A 3 -18.16 -25.38 4.03
CA GLY A 3 -17.47 -24.16 4.42
C GLY A 3 -16.47 -23.72 3.36
N GLY A 4 -15.21 -24.11 3.53
CA GLY A 4 -14.20 -23.75 2.56
C GLY A 4 -14.28 -24.56 1.29
N GLY A 5 -15.31 -25.41 1.20
CA GLY A 5 -15.51 -26.21 0.01
C GLY A 5 -15.88 -25.38 -1.18
N VAL A 6 -15.87 -24.08 -0.97
CA VAL A 6 -16.21 -23.10 -1.98
C VAL A 6 -15.88 -21.70 -1.48
N PHE A 7 -15.99 -21.50 -0.18
CA PHE A 7 -15.70 -20.22 0.43
C PHE A 7 -14.24 -19.85 0.19
N THR A 8 -13.39 -20.86 0.04
CA THR A 8 -11.98 -20.65 -0.20
C THR A 8 -11.76 -20.10 -1.59
N ASP A 9 -12.56 -20.59 -2.53
CA ASP A 9 -12.47 -20.12 -3.90
C ASP A 9 -12.85 -18.67 -3.92
N ILE A 10 -13.91 -18.39 -3.21
CA ILE A 10 -14.41 -17.05 -3.05
C ILE A 10 -13.28 -16.20 -2.49
N LEU A 11 -12.47 -16.87 -1.68
CA LEU A 11 -11.32 -16.24 -1.04
C LEU A 11 -10.20 -16.08 -2.03
N ALA A 12 -10.04 -17.09 -2.88
CA ALA A 12 -9.01 -17.11 -3.89
C ALA A 12 -9.26 -16.04 -4.94
N ALA A 13 -10.47 -16.05 -5.46
CA ALA A 13 -10.89 -15.08 -6.46
C ALA A 13 -10.80 -13.67 -5.89
N ALA A 14 -11.46 -13.45 -4.74
CA ALA A 14 -11.43 -12.13 -4.09
C ALA A 14 -10.02 -11.70 -3.81
N GLY A 15 -9.21 -12.59 -3.25
CA GLY A 15 -7.84 -12.25 -2.97
C GLY A 15 -7.14 -11.81 -4.23
N ARG A 16 -7.44 -12.53 -5.30
CA ARG A 16 -6.90 -12.24 -6.61
C ARG A 16 -7.52 -10.96 -7.18
N ILE A 17 -8.80 -10.76 -6.87
CA ILE A 17 -9.51 -9.59 -7.35
C ILE A 17 -8.91 -8.38 -6.70
N PHE A 18 -9.02 -8.41 -5.39
CA PHE A 18 -8.50 -7.38 -4.54
C PHE A 18 -7.02 -7.13 -4.85
N GLU A 19 -6.28 -8.21 -5.08
CA GLU A 19 -4.86 -8.11 -5.38
C GLU A 19 -4.63 -7.29 -6.64
N VAL A 20 -5.30 -7.70 -7.72
CA VAL A 20 -5.17 -6.99 -8.98
C VAL A 20 -5.79 -5.61 -8.84
N MET A 21 -6.73 -5.51 -7.91
CA MET A 21 -7.41 -4.26 -7.61
C MET A 21 -6.46 -3.37 -6.85
N VAL A 22 -5.54 -4.01 -6.13
CA VAL A 22 -4.57 -3.30 -5.33
C VAL A 22 -3.43 -2.77 -6.18
N GLU A 23 -2.95 -3.58 -7.11
CA GLU A 23 -1.86 -3.17 -7.98
C GLU A 23 -2.23 -1.90 -8.71
N GLY A 24 -3.49 -1.82 -9.13
CA GLY A 24 -3.96 -0.64 -9.82
C GLY A 24 -4.10 0.53 -8.86
N HIS A 25 -4.35 0.23 -7.59
CA HIS A 25 -4.47 1.26 -6.58
C HIS A 25 -3.18 2.06 -6.53
N TRP A 26 -2.06 1.35 -6.54
CA TRP A 26 -0.77 2.00 -6.50
C TRP A 26 -0.36 2.54 -7.85
N GLU A 27 -1.15 2.24 -8.85
CA GLU A 27 -0.86 2.79 -10.16
C GLU A 27 -1.16 4.27 -10.15
N THR A 28 -2.26 4.62 -9.51
CA THR A 28 -2.68 6.01 -9.41
C THR A 28 -1.89 6.72 -8.32
N VAL A 29 -1.32 5.95 -7.38
CA VAL A 29 -0.58 6.57 -6.30
C VAL A 29 0.57 7.39 -6.82
N GLY A 30 1.16 6.96 -7.92
CA GLY A 30 2.24 7.73 -8.50
C GLY A 30 1.84 9.19 -8.67
N MET A 31 0.54 9.44 -8.46
CA MET A 31 -0.04 10.77 -8.52
C MET A 31 -0.27 11.32 -7.12
N LEU A 32 -1.24 10.72 -6.42
CA LEU A 32 -1.58 11.14 -5.07
C LEU A 32 -0.39 10.99 -4.13
N PHE A 33 0.31 9.87 -4.29
CA PHE A 33 1.47 9.57 -3.48
C PHE A 33 2.59 10.56 -3.79
N ASP A 34 2.64 10.99 -5.05
CA ASP A 34 3.64 11.95 -5.51
C ASP A 34 3.54 13.25 -4.72
N SER A 35 2.32 13.61 -4.33
CA SER A 35 2.10 14.82 -3.55
C SER A 35 2.95 14.76 -2.28
N LEU A 36 3.38 13.55 -1.95
CA LEU A 36 4.21 13.32 -0.78
C LEU A 36 5.17 12.15 -1.03
N GLY A 37 5.52 11.98 -2.30
CA GLY A 37 6.42 10.91 -2.70
C GLY A 37 7.38 11.41 -3.75
N LYS A 38 7.29 12.71 -3.97
CA LYS A 38 8.12 13.44 -4.91
C LYS A 38 8.19 14.89 -4.46
N GLY A 39 7.03 15.41 -4.07
CA GLY A 39 6.96 16.78 -3.59
C GLY A 39 7.50 16.92 -2.18
N THR A 40 7.60 15.79 -1.48
CA THR A 40 8.12 15.79 -0.12
C THR A 40 8.37 14.38 0.40
N MET A 41 8.81 13.50 -0.49
CA MET A 41 9.12 12.12 -0.14
C MET A 41 10.13 12.07 0.99
N ARG A 42 11.03 13.05 1.03
CA ARG A 42 12.06 13.11 2.08
C ARG A 42 11.41 13.35 3.43
N ILE A 43 10.70 14.47 3.56
CA ILE A 43 10.03 14.81 4.81
C ILE A 43 9.21 13.62 5.30
N ASN A 44 8.48 13.00 4.38
CA ASN A 44 7.67 11.83 4.72
C ASN A 44 8.55 10.67 5.18
N ARG A 45 9.63 10.44 4.44
CA ARG A 45 10.57 9.37 4.77
C ARG A 45 11.18 9.57 6.14
N ASN A 46 11.75 10.75 6.37
CA ASN A 46 12.36 11.08 7.64
C ASN A 46 11.31 10.97 8.74
N ALA A 47 10.09 11.38 8.39
CA ALA A 47 8.98 11.33 9.33
C ALA A 47 8.66 9.88 9.66
N TYR A 48 8.67 9.04 8.62
CA TYR A 48 8.40 7.61 8.75
C TYR A 48 9.47 6.93 9.57
N GLY A 49 10.65 7.57 9.64
CA GLY A 49 11.76 7.03 10.40
C GLY A 49 11.41 6.74 11.85
N SER A 50 10.18 7.07 12.26
CA SER A 50 9.74 6.83 13.62
C SER A 50 8.22 6.94 13.72
N MET A 51 7.65 7.88 12.97
CA MET A 51 6.20 8.07 12.97
C MET A 51 5.52 6.92 12.24
N GLY A 52 6.19 6.38 11.23
CA GLY A 52 5.63 5.29 10.46
C GLY A 52 5.86 3.94 11.13
N GLY A 53 5.67 3.92 12.44
CA GLY A 53 5.86 2.70 13.20
C GLY A 53 5.99 2.99 14.68
N GLY A 54 5.70 4.23 15.03
CA GLY A 54 5.78 4.65 16.42
C GLY A 54 4.44 4.62 17.12
N SER A 55 3.65 5.67 16.93
CA SER A 55 2.34 5.76 17.56
C SER A 55 1.33 4.88 16.85
N LEU A 56 1.83 3.87 16.14
CA LEU A 56 0.99 2.94 15.41
C LEU A 56 0.09 3.68 14.44
N ARG A 57 0.59 4.80 13.90
CA ARG A 57 -0.20 5.59 12.96
C ARG A 57 -0.64 4.77 11.76
N GLY A 58 0.06 3.67 11.53
CA GLY A 58 -0.28 2.80 10.41
C GLY A 58 -0.05 1.33 10.73
N SER A 59 0.43 1.06 11.94
CA SER A 59 0.69 -0.32 12.36
C SER A 59 -0.32 -0.77 13.41
N MET A 1 -22.73 -27.19 3.65
CA MET A 1 -21.73 -26.16 4.02
C MET A 1 -20.32 -26.74 4.07
N SER A 2 -19.59 -26.62 2.96
CA SER A 2 -18.23 -27.14 2.89
C SER A 2 -17.31 -26.38 3.82
N GLY A 3 -17.36 -25.06 3.73
CA GLY A 3 -16.54 -24.21 4.57
C GLY A 3 -15.10 -24.12 4.08
N GLY A 4 -14.90 -24.41 2.81
CA GLY A 4 -13.57 -24.35 2.24
C GLY A 4 -13.54 -24.92 0.83
N GLY A 5 -14.46 -25.84 0.55
CA GLY A 5 -14.52 -26.43 -0.78
C GLY A 5 -15.15 -25.49 -1.78
N VAL A 6 -15.24 -24.23 -1.39
CA VAL A 6 -15.83 -23.21 -2.23
C VAL A 6 -15.63 -21.82 -1.61
N PHE A 7 -15.75 -21.74 -0.30
CA PHE A 7 -15.57 -20.48 0.40
C PHE A 7 -14.14 -19.99 0.19
N THR A 8 -13.23 -20.93 0.03
CA THR A 8 -11.83 -20.61 -0.18
C THR A 8 -11.63 -20.04 -1.58
N ASP A 9 -12.39 -20.58 -2.53
CA ASP A 9 -12.31 -20.11 -3.90
C ASP A 9 -12.77 -18.69 -3.93
N ILE A 10 -13.84 -18.46 -3.20
CA ILE A 10 -14.41 -17.16 -3.04
C ILE A 10 -13.33 -16.24 -2.48
N LEU A 11 -12.49 -16.87 -1.67
CA LEU A 11 -11.38 -16.19 -1.05
C LEU A 11 -10.25 -15.99 -2.04
N ALA A 12 -10.06 -16.98 -2.88
CA ALA A 12 -9.03 -16.98 -3.90
C ALA A 12 -9.32 -15.91 -4.93
N ALA A 13 -10.54 -15.93 -5.43
CA ALA A 13 -11.00 -14.98 -6.43
C ALA A 13 -10.94 -13.57 -5.86
N ALA A 14 -11.60 -13.36 -4.72
CA ALA A 14 -11.60 -12.04 -4.07
C ALA A 14 -10.18 -11.59 -3.79
N GLY A 15 -9.37 -12.49 -3.27
CA GLY A 15 -8.00 -12.15 -2.97
C GLY A 15 -7.30 -11.71 -4.23
N ARG A 16 -7.57 -12.43 -5.30
CA ARG A 16 -7.02 -12.13 -6.61
C ARG A 16 -7.64 -10.86 -7.17
N ILE A 17 -8.92 -10.66 -6.87
CA ILE A 17 -9.63 -9.49 -7.35
C ILE A 17 -9.02 -8.29 -6.70
N PHE A 18 -9.12 -8.32 -5.40
CA PHE A 18 -8.59 -7.29 -4.53
C PHE A 18 -7.12 -7.05 -4.83
N GLU A 19 -6.39 -8.14 -5.07
CA GLU A 19 -4.97 -8.06 -5.35
C GLU A 19 -4.71 -7.26 -6.61
N VAL A 20 -5.35 -7.67 -7.70
CA VAL A 20 -5.16 -6.97 -8.96
C VAL A 20 -5.72 -5.57 -8.82
N MET A 21 -6.69 -5.45 -7.92
CA MET A 21 -7.32 -4.18 -7.60
C MET A 21 -6.33 -3.32 -6.85
N VAL A 22 -5.49 -4.00 -6.08
CA VAL A 22 -4.48 -3.34 -5.27
C VAL A 22 -3.32 -2.88 -6.13
N GLU A 23 -2.81 -3.77 -6.97
CA GLU A 23 -1.71 -3.44 -7.85
C GLU A 23 -2.09 -2.25 -8.71
N GLY A 24 -3.31 -2.30 -9.23
CA GLY A 24 -3.80 -1.21 -10.04
C GLY A 24 -3.95 0.04 -9.22
N HIS A 25 -4.23 -0.13 -7.92
CA HIS A 25 -4.38 1.01 -7.04
C HIS A 25 -3.09 1.82 -7.03
N TRP A 26 -1.97 1.12 -6.89
CA TRP A 26 -0.68 1.76 -6.86
C TRP A 26 -0.21 2.14 -8.26
N GLU A 27 -0.84 1.59 -9.27
CA GLU A 27 -0.48 1.95 -10.63
C GLU A 27 -0.79 3.42 -10.80
N THR A 28 -1.88 3.79 -10.18
CA THR A 28 -2.36 5.14 -10.21
C THR A 28 -1.51 6.04 -9.32
N VAL A 29 -0.96 5.46 -8.26
CA VAL A 29 -0.17 6.22 -7.31
C VAL A 29 1.10 6.75 -7.92
N GLY A 30 1.74 5.98 -8.79
CA GLY A 30 2.95 6.48 -9.42
C GLY A 30 2.72 7.87 -9.99
N MET A 31 1.46 8.28 -10.02
CA MET A 31 1.05 9.58 -10.50
C MET A 31 0.67 10.51 -9.34
N LEU A 32 -0.44 10.18 -8.67
CA LEU A 32 -0.92 10.98 -7.55
C LEU A 32 0.12 11.04 -6.44
N PHE A 33 0.86 9.95 -6.29
CA PHE A 33 1.89 9.85 -5.27
C PHE A 33 3.06 10.75 -5.64
N ASP A 34 3.36 10.77 -6.94
CA ASP A 34 4.46 11.56 -7.48
C ASP A 34 4.29 13.03 -7.15
N SER A 35 3.05 13.51 -7.18
CA SER A 35 2.75 14.91 -6.90
C SER A 35 3.20 15.28 -5.49
N LEU A 36 3.19 14.31 -4.58
CA LEU A 36 3.60 14.55 -3.21
C LEU A 36 4.51 13.43 -2.72
N GLY A 37 5.29 12.86 -3.63
CA GLY A 37 6.21 11.81 -3.29
C GLY A 37 7.62 12.24 -3.60
N LYS A 38 7.80 12.74 -4.78
CA LYS A 38 9.09 13.23 -5.17
C LYS A 38 9.40 14.44 -4.32
N GLY A 39 8.42 15.33 -4.24
CA GLY A 39 8.55 16.50 -3.41
C GLY A 39 8.63 16.10 -1.96
N THR A 40 8.10 14.91 -1.65
CA THR A 40 8.12 14.41 -0.28
C THR A 40 7.65 12.96 -0.14
N MET A 41 8.51 12.03 -0.55
CA MET A 41 8.21 10.61 -0.45
C MET A 41 8.42 10.11 0.97
N ARG A 42 9.58 10.44 1.54
CA ARG A 42 9.91 10.02 2.90
C ARG A 42 8.80 10.40 3.87
N ILE A 43 8.49 11.69 3.93
CA ILE A 43 7.44 12.18 4.81
C ILE A 43 6.14 11.42 4.56
N ASN A 44 5.87 11.15 3.29
CA ASN A 44 4.67 10.41 2.93
C ASN A 44 4.68 9.03 3.59
N ARG A 45 5.86 8.41 3.63
CA ARG A 45 6.02 7.10 4.24
C ARG A 45 5.70 7.17 5.73
N ASN A 46 6.32 8.13 6.42
CA ASN A 46 6.10 8.29 7.85
C ASN A 46 4.63 8.58 8.09
N ALA A 47 4.06 9.37 7.18
CA ALA A 47 2.66 9.74 7.25
C ALA A 47 1.79 8.50 7.07
N TYR A 48 2.21 7.64 6.14
CA TYR A 48 1.50 6.41 5.85
C TYR A 48 1.52 5.46 7.04
N GLY A 49 2.54 5.64 7.89
CA GLY A 49 2.69 4.81 9.07
C GLY A 49 1.49 4.87 10.00
N SER A 50 0.45 5.60 9.62
CA SER A 50 -0.76 5.73 10.43
C SER A 50 -1.91 6.25 9.58
N MET A 51 -1.61 7.19 8.69
CA MET A 51 -2.63 7.77 7.81
C MET A 51 -3.04 6.78 6.73
N GLY A 52 -2.14 5.85 6.41
CA GLY A 52 -2.44 4.85 5.39
C GLY A 52 -2.94 3.55 5.99
N GLY A 53 -2.88 3.44 7.31
CA GLY A 53 -3.33 2.24 7.98
C GLY A 53 -4.81 2.29 8.30
N GLY A 54 -5.34 3.50 8.46
CA GLY A 54 -6.75 3.66 8.76
C GLY A 54 -7.03 4.91 9.58
N SER A 55 -6.55 6.04 9.07
CA SER A 55 -6.75 7.34 9.74
C SER A 55 -6.61 7.23 11.25
N LEU A 56 -5.60 6.49 11.64
CA LEU A 56 -5.27 6.26 13.04
C LEU A 56 -6.32 5.41 13.76
N ARG A 57 -7.54 5.37 13.24
CA ARG A 57 -8.59 4.58 13.87
C ARG A 57 -8.49 3.12 13.44
N GLY A 58 -7.28 2.71 13.07
CA GLY A 58 -7.07 1.34 12.64
C GLY A 58 -5.69 0.83 13.03
N SER A 59 -5.08 1.46 14.02
CA SER A 59 -3.76 1.07 14.50
C SER A 59 -3.83 -0.23 15.28
N MET A 1 -16.17 -31.99 -0.05
CA MET A 1 -15.81 -30.62 0.38
C MET A 1 -17.01 -29.91 0.99
N SER A 2 -16.77 -29.18 2.08
CA SER A 2 -17.82 -28.44 2.76
C SER A 2 -17.26 -27.17 3.41
N GLY A 3 -17.44 -26.05 2.72
CA GLY A 3 -16.94 -24.78 3.25
C GLY A 3 -15.73 -24.28 2.49
N GLY A 4 -14.57 -24.86 2.79
CA GLY A 4 -13.35 -24.46 2.11
C GLY A 4 -13.33 -24.88 0.66
N GLY A 5 -14.37 -25.61 0.26
CA GLY A 5 -14.46 -26.07 -1.12
C GLY A 5 -15.33 -25.17 -1.96
N VAL A 6 -15.46 -23.92 -1.51
CA VAL A 6 -16.27 -22.90 -2.17
C VAL A 6 -15.87 -21.52 -1.65
N PHE A 7 -15.89 -21.39 -0.33
CA PHE A 7 -15.52 -20.14 0.31
C PHE A 7 -14.07 -19.77 0.00
N THR A 8 -13.20 -20.77 -0.02
CA THR A 8 -11.79 -20.55 -0.32
C THR A 8 -11.63 -20.13 -1.77
N ASP A 9 -12.54 -20.61 -2.61
CA ASP A 9 -12.53 -20.23 -4.01
C ASP A 9 -12.89 -18.76 -4.08
N ILE A 10 -13.86 -18.41 -3.26
CA ILE A 10 -14.31 -17.04 -3.13
C ILE A 10 -13.19 -16.21 -2.54
N LEU A 11 -12.46 -16.83 -1.64
CA LEU A 11 -11.35 -16.20 -0.97
C LEU A 11 -10.22 -16.02 -1.96
N ALA A 12 -10.05 -17.04 -2.75
CA ALA A 12 -9.02 -17.06 -3.78
C ALA A 12 -9.26 -15.95 -4.78
N ALA A 13 -10.46 -15.95 -5.35
CA ALA A 13 -10.86 -14.95 -6.31
C ALA A 13 -10.85 -13.57 -5.69
N ALA A 14 -11.51 -13.40 -4.55
CA ALA A 14 -11.53 -12.10 -3.89
C ALA A 14 -10.11 -11.64 -3.62
N GLY A 15 -9.28 -12.57 -3.19
CA GLY A 15 -7.89 -12.26 -2.92
C GLY A 15 -7.20 -11.74 -4.15
N ARG A 16 -7.32 -12.49 -5.24
CA ARG A 16 -6.71 -12.13 -6.50
C ARG A 16 -7.44 -10.94 -7.13
N ILE A 17 -8.73 -10.82 -6.83
CA ILE A 17 -9.52 -9.71 -7.35
C ILE A 17 -8.99 -8.46 -6.72
N PHE A 18 -9.06 -8.49 -5.42
CA PHE A 18 -8.58 -7.42 -4.57
C PHE A 18 -7.12 -7.15 -4.89
N GLU A 19 -6.38 -8.22 -5.13
CA GLU A 19 -4.96 -8.12 -5.46
C GLU A 19 -4.74 -7.30 -6.72
N VAL A 20 -5.46 -7.66 -7.77
CA VAL A 20 -5.33 -6.94 -9.03
C VAL A 20 -5.91 -5.54 -8.86
N MET A 21 -6.88 -5.44 -7.95
CA MET A 21 -7.52 -4.18 -7.62
C MET A 21 -6.54 -3.32 -6.85
N VAL A 22 -5.64 -4.00 -6.14
CA VAL A 22 -4.65 -3.35 -5.32
C VAL A 22 -3.44 -2.91 -6.15
N GLU A 23 -2.98 -3.77 -7.04
CA GLU A 23 -1.83 -3.45 -7.86
C GLU A 23 -2.10 -2.19 -8.66
N GLY A 24 -3.32 -2.08 -9.17
CA GLY A 24 -3.70 -0.90 -9.92
C GLY A 24 -3.68 0.31 -9.01
N HIS A 25 -4.07 0.10 -7.75
CA HIS A 25 -4.06 1.17 -6.77
C HIS A 25 -2.63 1.65 -6.61
N TRP A 26 -1.72 0.69 -6.55
CA TRP A 26 -0.31 0.94 -6.39
C TRP A 26 0.28 1.48 -7.67
N GLU A 27 -0.44 1.33 -8.76
CA GLU A 27 0.04 1.85 -10.03
C GLU A 27 -0.10 3.36 -10.05
N THR A 28 -1.24 3.83 -9.55
CA THR A 28 -1.52 5.25 -9.51
C THR A 28 -0.75 5.93 -8.39
N VAL A 29 -0.34 5.16 -7.37
CA VAL A 29 0.39 5.75 -6.26
C VAL A 29 1.67 6.37 -6.73
N GLY A 30 2.31 5.75 -7.71
CA GLY A 30 3.53 6.31 -8.25
C GLY A 30 3.34 7.79 -8.57
N MET A 31 2.09 8.24 -8.53
CA MET A 31 1.72 9.62 -8.77
C MET A 31 1.45 10.35 -7.46
N LEU A 32 0.37 9.95 -6.78
CA LEU A 32 -0.02 10.56 -5.52
C LEU A 32 1.10 10.42 -4.49
N PHE A 33 1.75 9.27 -4.50
CA PHE A 33 2.84 8.99 -3.58
C PHE A 33 4.01 9.91 -3.88
N ASP A 34 4.24 10.14 -5.16
CA ASP A 34 5.32 10.99 -5.62
C ASP A 34 5.19 12.41 -5.08
N SER A 35 3.95 12.89 -5.03
CA SER A 35 3.67 14.24 -4.53
C SER A 35 4.27 14.42 -3.15
N LEU A 36 4.36 13.32 -2.41
CA LEU A 36 4.92 13.33 -1.07
C LEU A 36 5.78 12.09 -0.81
N GLY A 37 6.50 11.68 -1.85
CA GLY A 37 7.39 10.54 -1.74
C GLY A 37 8.78 10.94 -2.16
N LYS A 38 8.81 11.84 -3.13
CA LYS A 38 10.05 12.37 -3.65
C LYS A 38 10.60 13.36 -2.65
N GLY A 39 9.74 14.30 -2.29
CA GLY A 39 10.10 15.29 -1.30
C GLY A 39 10.19 14.69 0.07
N THR A 40 9.36 13.68 0.32
CA THR A 40 9.35 13.03 1.61
C THR A 40 10.64 12.25 1.87
N MET A 41 11.34 11.89 0.79
CA MET A 41 12.58 11.15 0.88
C MET A 41 13.43 11.60 2.06
N ARG A 42 13.61 12.92 2.19
CA ARG A 42 14.39 13.48 3.29
C ARG A 42 13.82 13.03 4.63
N ILE A 43 12.51 13.17 4.77
CA ILE A 43 11.83 12.77 5.99
C ILE A 43 12.16 11.33 6.33
N ASN A 44 12.19 10.48 5.31
CA ASN A 44 12.51 9.08 5.48
C ASN A 44 13.92 8.92 6.05
N ARG A 45 14.85 9.72 5.55
CA ARG A 45 16.24 9.68 6.02
C ARG A 45 16.32 10.04 7.50
N ASN A 46 15.75 11.19 7.85
CA ASN A 46 15.77 11.64 9.22
C ASN A 46 15.07 10.63 10.10
N ALA A 47 14.01 10.05 9.54
CA ALA A 47 13.25 9.02 10.24
C ALA A 47 14.10 7.79 10.45
N TYR A 48 14.82 7.40 9.41
CA TYR A 48 15.69 6.23 9.44
C TYR A 48 16.82 6.42 10.45
N GLY A 49 17.09 7.69 10.78
CA GLY A 49 18.13 8.00 11.74
C GLY A 49 17.98 7.28 13.06
N SER A 50 16.87 6.55 13.22
CA SER A 50 16.62 5.80 14.44
C SER A 50 15.50 4.79 14.22
N MET A 51 14.53 5.15 13.39
CA MET A 51 13.41 4.28 13.09
C MET A 51 13.83 3.13 12.18
N GLY A 52 14.91 3.35 11.42
CA GLY A 52 15.40 2.33 10.52
C GLY A 52 16.61 1.61 11.07
N GLY A 53 16.52 1.12 12.30
CA GLY A 53 17.62 0.42 12.91
C GLY A 53 17.34 0.06 14.36
N GLY A 54 16.22 0.53 14.87
CA GLY A 54 15.85 0.24 16.24
C GLY A 54 14.39 -0.18 16.37
N SER A 55 13.59 0.21 15.39
CA SER A 55 12.17 -0.13 15.39
C SER A 55 11.95 -1.61 15.09
N LEU A 56 12.24 -2.00 13.85
CA LEU A 56 12.08 -3.38 13.43
C LEU A 56 13.12 -4.28 14.09
N ARG A 57 14.28 -3.71 14.37
CA ARG A 57 15.35 -4.46 15.01
C ARG A 57 15.13 -4.53 16.51
N GLY A 58 13.88 -4.38 16.92
CA GLY A 58 13.53 -4.42 18.33
C GLY A 58 12.03 -4.53 18.56
N SER A 59 11.29 -4.86 17.50
CA SER A 59 9.85 -4.98 17.59
C SER A 59 9.44 -6.44 17.81
N MET A 1 -16.36 -31.01 -1.16
CA MET A 1 -17.46 -31.70 -0.42
C MET A 1 -17.33 -31.48 1.09
N SER A 2 -16.61 -30.43 1.46
CA SER A 2 -16.41 -30.11 2.88
C SER A 2 -16.75 -28.65 3.15
N GLY A 3 -17.20 -27.95 2.12
CA GLY A 3 -17.57 -26.54 2.28
C GLY A 3 -16.47 -25.61 1.82
N GLY A 4 -15.28 -25.76 2.39
CA GLY A 4 -14.16 -24.92 2.01
C GLY A 4 -13.73 -25.14 0.59
N GLY A 5 -14.35 -26.12 -0.06
CA GLY A 5 -14.04 -26.41 -1.44
C GLY A 5 -14.79 -25.48 -2.37
N VAL A 6 -15.08 -24.29 -1.85
CA VAL A 6 -15.82 -23.26 -2.57
C VAL A 6 -15.61 -21.91 -1.89
N PHE A 7 -15.71 -21.88 -0.56
CA PHE A 7 -15.53 -20.64 0.19
C PHE A 7 -14.11 -20.12 -0.02
N THR A 8 -13.15 -21.04 -0.11
CA THR A 8 -11.77 -20.67 -0.32
C THR A 8 -11.56 -20.11 -1.71
N ASP A 9 -12.28 -20.65 -2.70
CA ASP A 9 -12.19 -20.17 -4.07
C ASP A 9 -12.70 -18.76 -4.11
N ILE A 10 -13.70 -18.53 -3.28
CA ILE A 10 -14.29 -17.22 -3.12
C ILE A 10 -13.24 -16.29 -2.54
N LEU A 11 -12.52 -16.83 -1.58
CA LEU A 11 -11.43 -16.13 -0.92
C LEU A 11 -10.30 -15.92 -1.90
N ALA A 12 -10.10 -16.91 -2.75
CA ALA A 12 -9.07 -16.88 -3.77
C ALA A 12 -9.41 -15.83 -4.80
N ALA A 13 -10.68 -15.81 -5.17
CA ALA A 13 -11.18 -14.86 -6.14
C ALA A 13 -11.06 -13.45 -5.60
N ALA A 14 -11.71 -13.19 -4.46
CA ALA A 14 -11.65 -11.87 -3.83
C ALA A 14 -10.22 -11.46 -3.59
N GLY A 15 -9.42 -12.39 -3.10
CA GLY A 15 -8.03 -12.11 -2.85
C GLY A 15 -7.37 -11.54 -4.07
N ARG A 16 -7.48 -12.28 -5.15
CA ARG A 16 -6.91 -11.88 -6.43
C ARG A 16 -7.65 -10.70 -7.01
N ILE A 17 -8.94 -10.61 -6.75
CA ILE A 17 -9.71 -9.49 -7.26
C ILE A 17 -9.11 -8.25 -6.65
N PHE A 18 -9.18 -8.26 -5.35
CA PHE A 18 -8.66 -7.22 -4.52
C PHE A 18 -7.18 -7.00 -4.83
N GLU A 19 -6.46 -8.09 -5.03
CA GLU A 19 -5.03 -8.03 -5.32
C GLU A 19 -4.76 -7.30 -6.61
N VAL A 20 -5.39 -7.76 -7.68
CA VAL A 20 -5.20 -7.12 -8.98
C VAL A 20 -5.74 -5.70 -8.89
N MET A 21 -6.70 -5.53 -7.98
CA MET A 21 -7.31 -4.24 -7.72
C MET A 21 -6.30 -3.37 -6.99
N VAL A 22 -5.47 -4.03 -6.19
CA VAL A 22 -4.46 -3.36 -5.41
C VAL A 22 -3.26 -2.96 -6.27
N GLU A 23 -2.82 -3.88 -7.11
CA GLU A 23 -1.69 -3.62 -7.99
C GLU A 23 -1.99 -2.42 -8.86
N GLY A 24 -3.22 -2.37 -9.36
CA GLY A 24 -3.64 -1.25 -10.17
C GLY A 24 -3.69 0.01 -9.35
N HIS A 25 -3.98 -0.14 -8.06
CA HIS A 25 -4.04 1.02 -7.18
C HIS A 25 -2.69 1.71 -7.18
N TRP A 26 -1.63 0.92 -7.01
CA TRP A 26 -0.29 1.44 -6.97
C TRP A 26 0.23 1.75 -8.37
N GLU A 27 -0.53 1.37 -9.37
CA GLU A 27 -0.13 1.70 -10.72
C GLU A 27 -0.25 3.19 -10.93
N THR A 28 -1.34 3.74 -10.40
CA THR A 28 -1.59 5.17 -10.51
C THR A 28 -0.76 5.94 -9.52
N VAL A 29 -0.31 5.26 -8.44
CA VAL A 29 0.47 5.94 -7.43
C VAL A 29 1.74 6.50 -8.00
N GLY A 30 2.30 5.82 -8.99
CA GLY A 30 3.50 6.31 -9.63
C GLY A 30 3.30 7.75 -10.10
N MET A 31 2.07 8.23 -9.94
CA MET A 31 1.68 9.60 -10.29
C MET A 31 1.45 10.42 -9.02
N LEU A 32 0.41 10.06 -8.27
CA LEU A 32 0.08 10.76 -7.03
C LEU A 32 1.24 10.67 -6.05
N PHE A 33 1.85 9.50 -6.00
CA PHE A 33 2.99 9.27 -5.12
C PHE A 33 4.17 10.09 -5.59
N ASP A 34 4.35 10.12 -6.91
CA ASP A 34 5.46 10.87 -7.51
C ASP A 34 5.37 12.34 -7.17
N SER A 35 4.17 12.84 -6.98
CA SER A 35 3.97 14.24 -6.63
C SER A 35 4.73 14.56 -5.35
N LEU A 36 5.11 13.52 -4.63
CA LEU A 36 5.84 13.65 -3.39
C LEU A 36 6.57 12.36 -3.04
N GLY A 37 7.00 11.65 -4.07
CA GLY A 37 7.71 10.40 -3.89
C GLY A 37 8.82 10.28 -4.91
N LYS A 38 9.02 11.38 -5.61
CA LYS A 38 10.02 11.53 -6.64
C LYS A 38 10.19 12.99 -6.95
N GLY A 39 9.06 13.69 -6.98
CA GLY A 39 9.05 15.11 -7.24
C GLY A 39 9.49 15.91 -6.05
N THR A 40 9.46 15.30 -4.87
CA THR A 40 9.86 15.99 -3.66
C THR A 40 9.97 15.06 -2.44
N MET A 41 10.22 13.77 -2.69
CA MET A 41 10.39 12.81 -1.61
C MET A 41 11.30 13.36 -0.51
N ARG A 42 12.38 14.04 -0.94
CA ARG A 42 13.34 14.60 0.00
C ARG A 42 12.68 15.61 0.93
N ILE A 43 12.01 16.59 0.35
CA ILE A 43 11.34 17.63 1.13
C ILE A 43 10.30 17.02 2.07
N ASN A 44 9.54 16.04 1.56
CA ASN A 44 8.52 15.38 2.37
C ASN A 44 9.13 14.71 3.60
N ARG A 45 10.21 13.96 3.37
CA ARG A 45 10.88 13.26 4.47
C ARG A 45 11.40 14.25 5.50
N ASN A 46 12.14 15.25 5.04
CA ASN A 46 12.68 16.25 5.95
C ASN A 46 11.55 16.96 6.65
N ALA A 47 10.45 17.12 5.92
CA ALA A 47 9.26 17.76 6.46
C ALA A 47 8.64 16.89 7.55
N TYR A 48 8.61 15.58 7.28
CA TYR A 48 8.05 14.61 8.21
C TYR A 48 8.86 14.57 9.50
N GLY A 49 10.11 14.99 9.39
CA GLY A 49 11.00 15.01 10.54
C GLY A 49 10.47 15.87 11.69
N SER A 50 9.28 16.45 11.50
CA SER A 50 8.67 17.29 12.53
C SER A 50 7.19 17.52 12.21
N MET A 51 6.88 17.69 10.93
CA MET A 51 5.51 17.92 10.48
C MET A 51 4.70 16.63 10.56
N GLY A 52 5.39 15.49 10.43
CA GLY A 52 4.71 14.21 10.49
C GLY A 52 4.81 13.56 11.86
N GLY A 53 4.98 14.38 12.89
CA GLY A 53 5.09 13.87 14.24
C GLY A 53 4.98 14.97 15.28
N GLY A 54 4.60 16.16 14.83
CA GLY A 54 4.46 17.28 15.73
C GLY A 54 3.29 18.17 15.37
N SER A 55 3.09 18.38 14.07
CA SER A 55 2.00 19.22 13.59
C SER A 55 0.66 18.52 13.76
N LEU A 56 0.71 17.24 14.14
CA LEU A 56 -0.50 16.46 14.34
C LEU A 56 -1.14 16.81 15.68
N ARG A 57 -0.80 17.98 16.21
CA ARG A 57 -1.33 18.44 17.49
C ARG A 57 -2.72 19.06 17.32
N GLY A 58 -3.41 18.68 16.24
CA GLY A 58 -4.74 19.20 15.98
C GLY A 58 -4.73 20.27 14.91
N SER A 59 -3.59 20.92 14.73
CA SER A 59 -3.44 21.99 13.74
C SER A 59 -4.47 23.10 13.96
N MET A 1 -13.66 -29.04 1.83
CA MET A 1 -13.89 -29.43 0.41
C MET A 1 -12.79 -28.88 -0.49
N SER A 2 -12.95 -29.06 -1.80
CA SER A 2 -11.95 -28.58 -2.76
C SER A 2 -11.80 -27.07 -2.68
N GLY A 3 -12.91 -26.40 -2.39
CA GLY A 3 -12.91 -24.96 -2.28
C GLY A 3 -13.38 -24.47 -0.92
N GLY A 4 -13.13 -25.26 0.12
CA GLY A 4 -13.59 -24.87 1.44
C GLY A 4 -15.07 -24.58 1.42
N GLY A 5 -15.79 -25.40 0.66
CA GLY A 5 -17.20 -25.18 0.49
C GLY A 5 -17.40 -24.08 -0.52
N VAL A 6 -16.37 -23.94 -1.36
CA VAL A 6 -16.30 -22.93 -2.39
C VAL A 6 -15.91 -21.60 -1.77
N PHE A 7 -15.85 -21.60 -0.44
CA PHE A 7 -15.47 -20.44 0.34
C PHE A 7 -14.04 -20.03 0.04
N THR A 8 -13.13 -21.00 -0.02
CA THR A 8 -11.73 -20.72 -0.32
C THR A 8 -11.61 -20.08 -1.69
N ASP A 9 -12.52 -20.45 -2.58
CA ASP A 9 -12.56 -19.88 -3.92
C ASP A 9 -12.92 -18.44 -3.82
N ILE A 10 -13.95 -18.20 -3.04
CA ILE A 10 -14.41 -16.87 -2.76
C ILE A 10 -13.25 -16.07 -2.24
N LEU A 11 -12.37 -16.79 -1.56
CA LEU A 11 -11.17 -16.22 -0.98
C LEU A 11 -10.10 -16.02 -2.04
N ALA A 12 -9.98 -17.01 -2.90
CA ALA A 12 -8.99 -17.01 -3.96
C ALA A 12 -9.33 -15.94 -4.97
N ALA A 13 -10.58 -15.96 -5.39
CA ALA A 13 -11.09 -15.01 -6.35
C ALA A 13 -10.94 -13.59 -5.81
N ALA A 14 -11.55 -13.30 -4.66
CA ALA A 14 -11.44 -11.97 -4.07
C ALA A 14 -10.00 -11.61 -3.82
N GLY A 15 -9.26 -12.56 -3.27
CA GLY A 15 -7.88 -12.31 -2.99
C GLY A 15 -7.18 -11.76 -4.19
N ARG A 16 -7.33 -12.47 -5.30
CA ARG A 16 -6.75 -12.08 -6.57
C ARG A 16 -7.45 -10.88 -7.16
N ILE A 17 -8.76 -10.78 -6.95
CA ILE A 17 -9.52 -9.65 -7.49
C ILE A 17 -9.00 -8.42 -6.81
N PHE A 18 -9.20 -8.43 -5.53
CA PHE A 18 -8.77 -7.39 -4.65
C PHE A 18 -7.30 -7.08 -4.87
N GLU A 19 -6.51 -8.13 -5.03
CA GLU A 19 -5.07 -7.99 -5.24
C GLU A 19 -4.78 -7.24 -6.53
N VAL A 20 -5.31 -7.77 -7.63
CA VAL A 20 -5.10 -7.14 -8.92
C VAL A 20 -5.69 -5.73 -8.86
N MET A 21 -6.69 -5.60 -7.99
CA MET A 21 -7.36 -4.34 -7.75
C MET A 21 -6.43 -3.45 -6.94
N VAL A 22 -5.62 -4.11 -6.12
CA VAL A 22 -4.67 -3.41 -5.26
C VAL A 22 -3.47 -2.92 -6.06
N GLU A 23 -2.97 -3.76 -6.97
CA GLU A 23 -1.84 -3.39 -7.80
C GLU A 23 -2.19 -2.14 -8.59
N GLY A 24 -3.37 -2.15 -9.18
CA GLY A 24 -3.82 -1.00 -9.93
C GLY A 24 -3.88 0.20 -9.03
N HIS A 25 -4.24 -0.02 -7.77
CA HIS A 25 -4.31 1.07 -6.81
C HIS A 25 -2.91 1.64 -6.65
N TRP A 26 -1.94 0.73 -6.57
CA TRP A 26 -0.55 1.06 -6.42
C TRP A 26 0.01 1.62 -7.71
N GLU A 27 -0.70 1.40 -8.80
CA GLU A 27 -0.26 1.94 -10.06
C GLU A 27 -0.46 3.44 -10.09
N THR A 28 -1.61 3.85 -9.62
CA THR A 28 -1.95 5.25 -9.58
C THR A 28 -1.26 5.95 -8.41
N VAL A 29 -0.84 5.18 -7.40
CA VAL A 29 -0.21 5.81 -6.26
C VAL A 29 0.97 6.63 -6.70
N GLY A 30 1.63 6.15 -7.75
CA GLY A 30 2.74 6.89 -8.30
C GLY A 30 2.41 8.37 -8.47
N MET A 31 1.12 8.71 -8.31
CA MET A 31 0.66 10.08 -8.44
C MET A 31 0.25 10.66 -7.08
N LEU A 32 -0.71 10.01 -6.40
CA LEU A 32 -1.16 10.48 -5.10
C LEU A 32 -0.04 10.37 -4.09
N PHE A 33 0.79 9.38 -4.30
CA PHE A 33 1.94 9.14 -3.43
C PHE A 33 2.99 10.20 -3.69
N ASP A 34 3.27 10.41 -4.97
CA ASP A 34 4.26 11.38 -5.40
C ASP A 34 3.95 12.78 -4.86
N SER A 35 2.68 13.17 -4.90
CA SER A 35 2.29 14.48 -4.41
C SER A 35 2.77 14.70 -2.97
N LEU A 36 3.03 13.60 -2.28
CA LEU A 36 3.50 13.66 -0.90
C LEU A 36 4.27 12.40 -0.54
N GLY A 37 5.12 11.98 -1.46
CA GLY A 37 5.96 10.81 -1.27
C GLY A 37 7.38 11.15 -1.65
N LYS A 38 7.46 12.06 -2.60
CA LYS A 38 8.71 12.55 -3.12
C LYS A 38 9.29 13.49 -2.10
N GLY A 39 8.45 14.42 -1.68
CA GLY A 39 8.83 15.38 -0.67
C GLY A 39 8.80 14.72 0.69
N THR A 40 7.80 13.87 0.88
CA THR A 40 7.65 13.16 2.15
C THR A 40 8.75 12.11 2.35
N MET A 41 9.50 11.81 1.30
CA MET A 41 10.58 10.84 1.36
C MET A 41 11.35 10.94 2.67
N ARG A 42 11.70 12.15 3.05
CA ARG A 42 12.43 12.39 4.30
C ARG A 42 11.54 12.07 5.49
N ILE A 43 10.27 12.46 5.38
CA ILE A 43 9.30 12.23 6.43
C ILE A 43 9.05 10.74 6.66
N ASN A 44 9.14 9.95 5.59
CA ASN A 44 8.91 8.51 5.70
C ASN A 44 9.87 7.84 6.67
N ARG A 45 11.17 7.94 6.39
CA ARG A 45 12.19 7.35 7.24
C ARG A 45 12.05 7.82 8.67
N ASN A 46 11.89 9.13 8.87
CA ASN A 46 11.74 9.67 10.21
C ASN A 46 10.46 9.13 10.82
N ALA A 47 9.46 8.92 9.97
CA ALA A 47 8.18 8.38 10.39
C ALA A 47 8.36 6.93 10.83
N TYR A 48 9.04 6.17 9.99
CA TYR A 48 9.28 4.75 10.25
C TYR A 48 10.10 4.55 11.52
N GLY A 49 10.75 5.62 11.96
CA GLY A 49 11.55 5.56 13.18
C GLY A 49 10.76 5.05 14.37
N SER A 50 9.44 4.91 14.20
CA SER A 50 8.58 4.42 15.26
C SER A 50 7.19 4.05 14.72
N MET A 51 6.77 4.76 13.68
CA MET A 51 5.46 4.51 13.06
C MET A 51 5.47 3.20 12.28
N GLY A 52 6.63 2.85 11.74
CA GLY A 52 6.75 1.62 10.97
C GLY A 52 7.35 0.48 11.77
N GLY A 53 6.76 0.23 12.93
CA GLY A 53 7.25 -0.85 13.78
C GLY A 53 6.95 -0.62 15.25
N GLY A 54 6.01 0.29 15.52
CA GLY A 54 5.64 0.58 16.89
C GLY A 54 4.19 1.01 17.02
N SER A 55 3.74 1.84 16.09
CA SER A 55 2.36 2.32 16.10
C SER A 55 1.39 1.23 15.65
N LEU A 56 1.80 -0.01 15.82
CA LEU A 56 0.99 -1.16 15.44
C LEU A 56 0.69 -1.13 13.94
N ARG A 57 1.64 -0.55 13.18
CA ARG A 57 1.52 -0.43 11.74
C ARG A 57 0.08 -0.16 11.29
N GLY A 58 -0.60 0.69 12.05
CA GLY A 58 -1.98 1.02 11.74
C GLY A 58 -2.79 1.38 12.97
N SER A 59 -2.44 0.78 14.10
CA SER A 59 -3.14 1.04 15.36
C SER A 59 -4.62 0.72 15.24
N MET A 1 -18.05 -26.78 -1.39
CA MET A 1 -18.64 -28.05 -0.89
C MET A 1 -19.04 -27.93 0.58
N SER A 2 -19.39 -26.71 0.99
CA SER A 2 -19.79 -26.45 2.37
C SER A 2 -18.68 -26.83 3.34
N GLY A 3 -17.47 -26.98 2.82
CA GLY A 3 -16.34 -27.34 3.67
C GLY A 3 -15.15 -26.43 3.45
N GLY A 4 -15.43 -25.17 3.15
CA GLY A 4 -14.36 -24.21 2.91
C GLY A 4 -13.79 -24.31 1.52
N GLY A 5 -14.13 -25.38 0.80
CA GLY A 5 -13.63 -25.55 -0.54
C GLY A 5 -14.06 -24.41 -1.44
N VAL A 6 -15.36 -24.26 -1.60
CA VAL A 6 -15.93 -23.21 -2.42
C VAL A 6 -15.61 -21.83 -1.85
N PHE A 7 -15.78 -21.71 -0.54
CA PHE A 7 -15.52 -20.46 0.16
C PHE A 7 -14.08 -19.99 -0.04
N THR A 8 -13.13 -20.91 0.02
CA THR A 8 -11.73 -20.55 -0.18
C THR A 8 -11.51 -20.07 -1.61
N ASP A 9 -12.28 -20.64 -2.55
CA ASP A 9 -12.20 -20.24 -3.95
C ASP A 9 -12.69 -18.82 -4.06
N ILE A 10 -13.72 -18.54 -3.28
CA ILE A 10 -14.30 -17.22 -3.20
C ILE A 10 -13.25 -16.28 -2.61
N LEU A 11 -12.54 -16.82 -1.64
CA LEU A 11 -11.46 -16.10 -0.97
C LEU A 11 -10.31 -15.90 -1.94
N ALA A 12 -10.08 -16.91 -2.75
CA ALA A 12 -9.02 -16.88 -3.74
C ALA A 12 -9.34 -15.85 -4.80
N ALA A 13 -10.59 -15.86 -5.24
CA ALA A 13 -11.06 -14.93 -6.25
C ALA A 13 -11.01 -13.51 -5.72
N ALA A 14 -11.68 -13.27 -4.60
CA ALA A 14 -11.68 -11.94 -3.98
C ALA A 14 -10.26 -11.49 -3.68
N GLY A 15 -9.45 -12.41 -3.18
CA GLY A 15 -8.08 -12.08 -2.89
C GLY A 15 -7.37 -11.69 -4.15
N ARG A 16 -7.68 -12.42 -5.23
CA ARG A 16 -7.11 -12.15 -6.53
C ARG A 16 -7.69 -10.86 -7.11
N ILE A 17 -8.96 -10.63 -6.80
CA ILE A 17 -9.66 -9.45 -7.27
C ILE A 17 -9.02 -8.25 -6.63
N PHE A 18 -9.07 -8.28 -5.33
CA PHE A 18 -8.51 -7.27 -4.49
C PHE A 18 -7.03 -7.09 -4.81
N GLU A 19 -6.34 -8.20 -5.06
CA GLU A 19 -4.92 -8.16 -5.39
C GLU A 19 -4.68 -7.37 -6.66
N VAL A 20 -5.40 -7.71 -7.71
CA VAL A 20 -5.26 -7.01 -8.98
C VAL A 20 -5.80 -5.59 -8.83
N MET A 21 -6.75 -5.44 -7.90
CA MET A 21 -7.35 -4.16 -7.59
C MET A 21 -6.34 -3.32 -6.85
N VAL A 22 -5.47 -4.01 -6.12
CA VAL A 22 -4.44 -3.36 -5.33
C VAL A 22 -3.27 -2.95 -6.21
N GLU A 23 -2.83 -3.86 -7.08
CA GLU A 23 -1.74 -3.57 -7.97
C GLU A 23 -2.11 -2.38 -8.84
N GLY A 24 -3.36 -2.35 -9.27
CA GLY A 24 -3.84 -1.25 -10.08
C GLY A 24 -3.78 0.02 -9.27
N HIS A 25 -4.05 -0.08 -7.97
CA HIS A 25 -3.97 1.07 -7.09
C HIS A 25 -2.55 1.59 -7.09
N TRP A 26 -1.61 0.65 -7.12
CA TRP A 26 -0.21 0.95 -7.13
C TRP A 26 0.22 1.42 -8.50
N GLU A 27 -0.60 1.14 -9.50
CA GLU A 27 -0.32 1.61 -10.85
C GLU A 27 -0.59 3.09 -10.90
N THR A 28 -1.67 3.45 -10.26
CA THR A 28 -2.10 4.82 -10.20
C THR A 28 -1.17 5.65 -9.35
N VAL A 29 -0.55 5.03 -8.35
CA VAL A 29 0.34 5.75 -7.46
C VAL A 29 1.52 6.31 -8.22
N GLY A 30 2.01 5.57 -9.19
CA GLY A 30 3.11 6.06 -9.99
C GLY A 30 2.84 7.47 -10.52
N MET A 31 1.60 7.94 -10.34
CA MET A 31 1.21 9.27 -10.77
C MET A 31 0.89 10.17 -9.58
N LEU A 32 -0.03 9.75 -8.71
CA LEU A 32 -0.38 10.54 -7.55
C LEU A 32 0.80 10.65 -6.62
N PHE A 33 1.67 9.66 -6.70
CA PHE A 33 2.87 9.62 -5.88
C PHE A 33 3.85 10.66 -6.40
N ASP A 34 4.04 10.63 -7.71
CA ASP A 34 4.94 11.53 -8.38
C ASP A 34 4.53 12.98 -8.16
N SER A 35 3.22 13.23 -8.20
CA SER A 35 2.68 14.57 -8.00
C SER A 35 3.29 15.19 -6.75
N LEU A 36 3.62 14.36 -5.78
CA LEU A 36 4.24 14.81 -4.53
C LEU A 36 5.30 13.83 -4.06
N GLY A 37 6.05 13.30 -5.02
CA GLY A 37 7.13 12.38 -4.72
C GLY A 37 8.41 12.86 -5.35
N LYS A 38 8.24 13.51 -6.48
CA LYS A 38 9.35 14.08 -7.23
C LYS A 38 9.76 15.35 -6.54
N GLY A 39 8.76 16.18 -6.27
CA GLY A 39 8.97 17.42 -5.59
C GLY A 39 9.22 17.19 -4.11
N THR A 40 8.62 16.14 -3.58
CA THR A 40 8.80 15.80 -2.17
C THR A 40 10.24 15.47 -1.88
N MET A 41 10.93 14.94 -2.88
CA MET A 41 12.33 14.59 -2.76
C MET A 41 13.12 15.73 -2.16
N ARG A 42 12.69 16.95 -2.45
CA ARG A 42 13.33 18.14 -1.90
C ARG A 42 13.17 18.17 -0.39
N ILE A 43 11.98 17.80 0.05
CA ILE A 43 11.65 17.74 1.47
C ILE A 43 12.48 16.67 2.16
N ASN A 44 12.49 15.48 1.58
CA ASN A 44 13.23 14.36 2.13
C ASN A 44 14.72 14.67 2.21
N ARG A 45 15.25 15.28 1.15
CA ARG A 45 16.67 15.63 1.09
C ARG A 45 17.01 16.67 2.17
N ASN A 46 16.21 17.73 2.24
CA ASN A 46 16.43 18.76 3.23
C ASN A 46 16.28 18.17 4.62
N ALA A 47 15.34 17.25 4.74
CA ALA A 47 15.08 16.56 5.99
C ALA A 47 16.29 15.69 6.37
N TYR A 48 16.83 15.01 5.35
CA TYR A 48 17.98 14.14 5.54
C TYR A 48 19.23 14.94 5.87
N GLY A 49 19.18 16.24 5.58
CA GLY A 49 20.31 17.12 5.86
C GLY A 49 20.68 17.16 7.34
N SER A 50 19.96 16.39 8.16
CA SER A 50 20.23 16.35 9.59
C SER A 50 19.53 15.16 10.24
N MET A 51 18.35 14.82 9.71
CA MET A 51 17.58 13.70 10.24
C MET A 51 18.20 12.36 9.83
N GLY A 52 18.99 12.39 8.77
CA GLY A 52 19.63 11.17 8.30
C GLY A 52 21.13 11.34 8.08
N GLY A 53 21.69 12.40 8.68
CA GLY A 53 23.11 12.64 8.54
C GLY A 53 23.74 13.10 9.85
N GLY A 54 22.93 13.64 10.74
CA GLY A 54 23.43 14.10 12.02
C GLY A 54 22.75 13.43 13.19
N SER A 55 21.58 12.85 12.94
CA SER A 55 20.83 12.17 13.98
C SER A 55 21.46 10.83 14.35
N LEU A 56 21.85 10.08 13.33
CA LEU A 56 22.48 8.77 13.54
C LEU A 56 23.88 8.92 14.10
N ARG A 57 24.19 10.10 14.63
CA ARG A 57 25.51 10.38 15.20
C ARG A 57 25.56 9.94 16.66
N GLY A 58 24.80 8.90 16.99
CA GLY A 58 24.78 8.41 18.35
C GLY A 58 25.36 7.01 18.48
N SER A 59 25.13 6.18 17.46
CA SER A 59 25.64 4.82 17.46
C SER A 59 27.04 4.76 16.86
N MET A 1 -16.21 -27.46 -1.87
CA MET A 1 -17.16 -28.54 -2.24
C MET A 1 -17.58 -29.35 -1.03
N SER A 2 -17.11 -28.95 0.14
CA SER A 2 -17.42 -29.64 1.39
C SER A 2 -17.53 -28.66 2.55
N GLY A 3 -17.67 -27.38 2.23
CA GLY A 3 -17.79 -26.37 3.25
C GLY A 3 -16.88 -25.17 2.99
N GLY A 4 -15.58 -25.40 3.04
CA GLY A 4 -14.63 -24.33 2.81
C GLY A 4 -14.00 -24.40 1.44
N GLY A 5 -14.31 -25.44 0.68
CA GLY A 5 -13.76 -25.57 -0.65
C GLY A 5 -14.13 -24.40 -1.53
N VAL A 6 -15.43 -24.24 -1.75
CA VAL A 6 -15.94 -23.15 -2.57
C VAL A 6 -15.64 -21.80 -1.94
N PHE A 7 -15.84 -21.72 -0.64
CA PHE A 7 -15.60 -20.48 0.11
C PHE A 7 -14.16 -20.01 -0.06
N THR A 8 -13.21 -20.94 0.01
CA THR A 8 -11.81 -20.59 -0.16
C THR A 8 -11.57 -20.10 -1.58
N ASP A 9 -12.33 -20.65 -2.53
CA ASP A 9 -12.23 -20.24 -3.93
C ASP A 9 -12.71 -18.82 -4.04
N ILE A 10 -13.75 -18.54 -3.26
CA ILE A 10 -14.32 -17.21 -3.18
C ILE A 10 -13.26 -16.28 -2.61
N LEU A 11 -12.55 -16.82 -1.62
CA LEU A 11 -11.47 -16.12 -0.96
C LEU A 11 -10.32 -15.93 -1.93
N ALA A 12 -10.10 -16.95 -2.73
CA ALA A 12 -9.03 -16.94 -3.72
C ALA A 12 -9.33 -15.89 -4.79
N ALA A 13 -10.57 -15.90 -5.25
CA ALA A 13 -11.01 -14.95 -6.26
C ALA A 13 -10.94 -13.53 -5.72
N ALA A 14 -11.60 -13.30 -4.59
CA ALA A 14 -11.59 -11.98 -3.96
C ALA A 14 -10.17 -11.53 -3.69
N GLY A 15 -9.36 -12.43 -3.15
CA GLY A 15 -7.98 -12.10 -2.89
C GLY A 15 -7.30 -11.69 -4.16
N ARG A 16 -7.60 -12.41 -5.23
CA ARG A 16 -7.06 -12.13 -6.55
C ARG A 16 -7.68 -10.85 -7.10
N ILE A 17 -8.95 -10.61 -6.76
CA ILE A 17 -9.65 -9.43 -7.21
C ILE A 17 -9.01 -8.24 -6.58
N PHE A 18 -9.10 -8.26 -5.27
CA PHE A 18 -8.53 -7.24 -4.43
C PHE A 18 -7.07 -7.02 -4.76
N GLU A 19 -6.37 -8.13 -5.01
CA GLU A 19 -4.95 -8.06 -5.35
C GLU A 19 -4.73 -7.28 -6.62
N VAL A 20 -5.38 -7.71 -7.69
CA VAL A 20 -5.24 -7.03 -8.96
C VAL A 20 -5.77 -5.63 -8.83
N MET A 21 -6.70 -5.47 -7.89
CA MET A 21 -7.29 -4.19 -7.57
C MET A 21 -6.27 -3.35 -6.85
N VAL A 22 -5.40 -4.04 -6.11
CA VAL A 22 -4.36 -3.39 -5.35
C VAL A 22 -3.23 -2.94 -6.26
N GLU A 23 -2.83 -3.80 -7.18
CA GLU A 23 -1.78 -3.46 -8.11
C GLU A 23 -2.20 -2.27 -8.92
N GLY A 24 -3.45 -2.31 -9.39
CA GLY A 24 -3.99 -1.21 -10.14
C GLY A 24 -3.98 0.04 -9.30
N HIS A 25 -4.22 -0.13 -8.00
CA HIS A 25 -4.19 0.99 -7.07
C HIS A 25 -2.79 1.56 -7.05
N TRP A 26 -1.81 0.65 -7.09
CA TRP A 26 -0.41 1.01 -7.09
C TRP A 26 0.01 1.52 -8.44
N GLU A 27 -0.80 1.26 -9.45
CA GLU A 27 -0.51 1.76 -10.77
C GLU A 27 -0.79 3.25 -10.82
N THR A 28 -1.89 3.63 -10.20
CA THR A 28 -2.29 5.02 -10.16
C THR A 28 -1.45 5.81 -9.17
N VAL A 29 -0.85 5.11 -8.20
CA VAL A 29 -0.03 5.80 -7.21
C VAL A 29 1.12 6.50 -7.89
N GLY A 30 1.63 5.90 -8.94
CA GLY A 30 2.70 6.53 -9.69
C GLY A 30 2.37 7.97 -10.00
N MET A 31 1.11 8.33 -9.74
CA MET A 31 0.61 9.68 -9.93
C MET A 31 0.53 10.42 -8.60
N LEU A 32 -0.38 9.96 -7.73
CA LEU A 32 -0.56 10.58 -6.42
C LEU A 32 0.71 10.52 -5.60
N PHE A 33 1.38 9.38 -5.68
CA PHE A 33 2.63 9.16 -4.97
C PHE A 33 3.69 10.11 -5.51
N ASP A 34 3.65 10.32 -6.81
CA ASP A 34 4.60 11.20 -7.47
C ASP A 34 4.51 12.61 -6.91
N SER A 35 3.30 13.01 -6.52
CA SER A 35 3.08 14.34 -5.96
C SER A 35 3.91 14.52 -4.70
N LEU A 36 4.19 13.41 -4.02
CA LEU A 36 4.98 13.43 -2.81
C LEU A 36 5.97 12.27 -2.78
N GLY A 37 6.49 11.92 -3.95
CA GLY A 37 7.49 10.88 -4.06
C GLY A 37 8.68 11.39 -4.82
N LYS A 38 8.38 12.20 -5.83
CA LYS A 38 9.39 12.81 -6.67
C LYS A 38 9.97 13.98 -5.90
N GLY A 39 9.07 14.82 -5.42
CA GLY A 39 9.45 15.97 -4.64
C GLY A 39 9.89 15.58 -3.26
N THR A 40 9.31 14.49 -2.75
CA THR A 40 9.65 14.02 -1.43
C THR A 40 11.10 13.58 -1.37
N MET A 41 11.59 13.04 -2.49
CA MET A 41 12.97 12.59 -2.59
C MET A 41 13.92 13.65 -2.03
N ARG A 42 13.60 14.91 -2.28
CA ARG A 42 14.41 16.01 -1.79
C ARG A 42 14.24 16.16 -0.28
N ILE A 43 13.03 15.91 0.19
CA ILE A 43 12.73 15.99 1.61
C ILE A 43 13.49 14.90 2.36
N ASN A 44 13.37 13.68 1.88
CA ASN A 44 14.03 12.53 2.48
C ASN A 44 15.54 12.70 2.49
N ARG A 45 16.10 13.06 1.34
CA ARG A 45 17.55 13.26 1.23
C ARG A 45 18.03 14.36 2.18
N ASN A 46 17.39 15.52 2.11
CA ASN A 46 17.76 16.62 2.98
C ASN A 46 17.56 16.22 4.42
N ALA A 47 16.53 15.42 4.66
CA ALA A 47 16.23 14.91 5.99
C ALA A 47 17.34 13.97 6.45
N TYR A 48 17.80 13.14 5.52
CA TYR A 48 18.86 12.19 5.79
C TYR A 48 20.16 12.90 6.13
N GLY A 49 20.27 14.14 5.68
CA GLY A 49 21.45 14.94 5.94
C GLY A 49 21.71 15.16 7.42
N SER A 50 20.89 14.56 8.28
CA SER A 50 21.02 14.69 9.72
C SER A 50 20.22 13.60 10.43
N MET A 51 19.04 13.32 9.92
CA MET A 51 18.17 12.29 10.49
C MET A 51 18.72 10.90 10.19
N GLY A 52 19.42 10.79 9.07
CA GLY A 52 19.99 9.51 8.68
C GLY A 52 21.46 9.42 9.02
N GLY A 53 22.06 10.58 9.33
CA GLY A 53 23.46 10.61 9.68
C GLY A 53 23.73 9.94 11.01
N GLY A 54 22.76 10.02 11.91
CA GLY A 54 22.89 9.42 13.22
C GLY A 54 21.57 9.36 13.95
N SER A 55 20.52 8.98 13.22
CA SER A 55 19.18 8.88 13.78
C SER A 55 18.83 10.11 14.59
N LEU A 56 19.07 11.23 13.97
CA LEU A 56 18.80 12.55 14.55
C LEU A 56 19.10 12.60 16.04
N ARG A 57 20.06 11.79 16.49
CA ARG A 57 20.45 11.75 17.88
C ARG A 57 21.44 12.87 18.21
N GLY A 58 20.99 14.11 18.04
CA GLY A 58 21.84 15.25 18.32
C GLY A 58 21.06 16.53 18.47
N SER A 59 19.95 16.65 17.75
CA SER A 59 19.11 17.84 17.81
C SER A 59 17.85 17.56 18.62
N MET A 1 -12.37 -31.02 -1.35
CA MET A 1 -12.91 -30.29 -0.16
C MET A 1 -14.42 -30.09 -0.29
N SER A 2 -15.09 -30.05 0.85
CA SER A 2 -16.54 -29.87 0.88
C SER A 2 -16.92 -28.80 1.91
N GLY A 3 -17.54 -27.73 1.42
CA GLY A 3 -17.94 -26.64 2.31
C GLY A 3 -17.06 -25.42 2.15
N GLY A 4 -15.88 -25.46 2.77
CA GLY A 4 -14.94 -24.35 2.67
C GLY A 4 -14.21 -24.33 1.36
N GLY A 5 -14.41 -25.37 0.55
CA GLY A 5 -13.75 -25.43 -0.74
C GLY A 5 -14.13 -24.25 -1.61
N VAL A 6 -15.43 -24.10 -1.83
CA VAL A 6 -15.95 -23.00 -2.63
C VAL A 6 -15.68 -21.66 -1.97
N PHE A 7 -15.94 -21.60 -0.67
CA PHE A 7 -15.73 -20.37 0.10
C PHE A 7 -14.29 -19.90 -0.02
N THR A 8 -13.36 -20.84 0.06
CA THR A 8 -11.95 -20.50 -0.07
C THR A 8 -11.65 -20.04 -1.49
N ASP A 9 -12.37 -20.61 -2.46
CA ASP A 9 -12.22 -20.23 -3.86
C ASP A 9 -12.67 -18.79 -4.00
N ILE A 10 -13.68 -18.47 -3.22
CA ILE A 10 -14.22 -17.14 -3.15
C ILE A 10 -13.15 -16.24 -2.58
N LEU A 11 -12.49 -16.77 -1.56
CA LEU A 11 -11.39 -16.09 -0.89
C LEU A 11 -10.24 -15.92 -1.87
N ALA A 12 -10.05 -16.96 -2.68
CA ALA A 12 -9.02 -16.97 -3.69
C ALA A 12 -9.34 -15.95 -4.77
N ALA A 13 -10.62 -15.91 -5.13
CA ALA A 13 -11.10 -14.99 -6.14
C ALA A 13 -10.93 -13.56 -5.65
N ALA A 14 -11.52 -13.23 -4.51
CA ALA A 14 -11.40 -11.89 -3.95
C ALA A 14 -9.95 -11.55 -3.77
N GLY A 15 -9.20 -12.47 -3.18
CA GLY A 15 -7.80 -12.23 -2.96
C GLY A 15 -7.15 -11.84 -4.26
N ARG A 16 -7.54 -12.55 -5.32
CA ARG A 16 -7.05 -12.29 -6.65
C ARG A 16 -7.65 -11.01 -7.22
N ILE A 17 -8.91 -10.77 -6.90
CA ILE A 17 -9.61 -9.59 -7.40
C ILE A 17 -8.99 -8.38 -6.76
N PHE A 18 -9.13 -8.38 -5.46
CA PHE A 18 -8.59 -7.35 -4.61
C PHE A 18 -7.11 -7.13 -4.92
N GLU A 19 -6.38 -8.22 -5.16
CA GLU A 19 -4.96 -8.13 -5.48
C GLU A 19 -4.73 -7.34 -6.75
N VAL A 20 -5.40 -7.75 -7.82
CA VAL A 20 -5.27 -7.06 -9.09
C VAL A 20 -5.83 -5.65 -8.91
N MET A 21 -6.75 -5.54 -7.97
CA MET A 21 -7.37 -4.28 -7.62
C MET A 21 -6.37 -3.46 -6.82
N VAL A 22 -5.46 -4.18 -6.15
CA VAL A 22 -4.45 -3.57 -5.33
C VAL A 22 -3.30 -3.03 -6.17
N GLU A 23 -2.97 -3.73 -7.25
CA GLU A 23 -1.89 -3.28 -8.12
C GLU A 23 -2.22 -1.89 -8.66
N GLY A 24 -3.45 -1.71 -9.09
CA GLY A 24 -3.88 -0.41 -9.57
C GLY A 24 -3.82 0.60 -8.46
N HIS A 25 -4.09 0.13 -7.24
CA HIS A 25 -4.02 1.00 -6.07
C HIS A 25 -2.59 1.50 -5.93
N TRP A 26 -1.65 0.59 -6.24
CA TRP A 26 -0.24 0.88 -6.18
C TRP A 26 0.16 1.76 -7.34
N GLU A 27 -0.69 1.83 -8.33
CA GLU A 27 -0.43 2.69 -9.46
C GLU A 27 -0.69 4.12 -9.05
N THR A 28 -1.78 4.31 -8.33
CA THR A 28 -2.16 5.64 -7.86
C THR A 28 -1.34 6.05 -6.65
N VAL A 29 -0.71 5.08 -5.97
CA VAL A 29 0.09 5.41 -4.80
C VAL A 29 1.16 6.41 -5.17
N GLY A 30 1.66 6.30 -6.37
CA GLY A 30 2.66 7.24 -6.83
C GLY A 30 2.25 8.68 -6.52
N MET A 31 0.98 8.85 -6.14
CA MET A 31 0.43 10.15 -5.78
C MET A 31 0.30 10.29 -4.26
N LEU A 32 -0.58 9.46 -3.68
CA LEU A 32 -0.80 9.49 -2.23
C LEU A 32 0.49 9.20 -1.48
N PHE A 33 1.32 8.33 -2.06
CA PHE A 33 2.58 7.95 -1.46
C PHE A 33 3.52 9.15 -1.46
N ASP A 34 3.41 9.96 -2.50
CA ASP A 34 4.22 11.16 -2.62
C ASP A 34 3.97 12.09 -1.45
N SER A 35 2.74 12.10 -0.94
CA SER A 35 2.39 12.93 0.19
C SER A 35 2.96 12.32 1.46
N LEU A 36 3.55 11.14 1.30
CA LEU A 36 4.17 10.41 2.41
C LEU A 36 5.61 10.06 2.07
N GLY A 37 6.06 10.57 0.93
CA GLY A 37 7.43 10.35 0.50
C GLY A 37 8.16 11.64 0.68
N LYS A 38 7.59 12.65 0.05
CA LYS A 38 8.06 14.00 0.18
C LYS A 38 7.88 14.39 1.62
N GLY A 39 6.84 13.81 2.20
CA GLY A 39 6.51 14.08 3.57
C GLY A 39 5.93 15.44 3.63
N THR A 40 5.03 15.65 2.69
CA THR A 40 4.38 16.93 2.50
C THR A 40 5.40 18.03 2.70
N MET A 41 6.65 17.75 2.27
CA MET A 41 7.74 18.70 2.36
C MET A 41 7.30 20.08 1.87
N ARG A 42 6.34 20.10 0.96
CA ARG A 42 5.82 21.35 0.43
C ARG A 42 5.13 22.16 1.53
N ILE A 43 4.02 21.62 2.03
CA ILE A 43 3.28 22.27 3.09
C ILE A 43 4.19 22.59 4.27
N ASN A 44 5.09 21.66 4.59
CA ASN A 44 6.03 21.85 5.68
C ASN A 44 6.88 23.09 5.44
N ARG A 45 7.31 23.27 4.21
CA ARG A 45 8.13 24.43 3.85
C ARG A 45 7.34 25.72 4.06
N ASN A 46 6.14 25.77 3.50
CA ASN A 46 5.32 26.96 3.64
C ASN A 46 5.02 27.20 5.10
N ALA A 47 4.84 26.09 5.82
CA ALA A 47 4.59 26.15 7.25
C ALA A 47 5.82 26.68 7.99
N TYR A 48 6.99 26.22 7.54
CA TYR A 48 8.26 26.62 8.13
C TYR A 48 8.48 28.12 7.95
N GLY A 49 7.81 28.67 6.95
CA GLY A 49 7.92 30.10 6.67
C GLY A 49 7.68 30.97 7.89
N SER A 50 7.25 30.36 8.99
CA SER A 50 6.99 31.08 10.23
C SER A 50 6.91 30.13 11.42
N MET A 51 6.36 28.94 11.18
CA MET A 51 6.22 27.93 12.23
C MET A 51 7.58 27.33 12.56
N GLY A 52 8.45 27.27 11.55
CA GLY A 52 9.78 26.71 11.74
C GLY A 52 10.71 27.66 12.44
N GLY A 53 10.15 28.79 12.89
CA GLY A 53 10.94 29.78 13.58
C GLY A 53 10.64 29.77 15.06
N GLY A 54 9.39 29.97 15.41
CA GLY A 54 8.98 29.96 16.79
C GLY A 54 9.00 28.56 17.35
N SER A 55 9.38 27.60 16.50
CA SER A 55 9.40 26.21 16.90
C SER A 55 8.03 25.82 17.41
N LEU A 56 7.07 26.70 17.16
CA LEU A 56 5.70 26.48 17.58
C LEU A 56 5.04 25.53 16.61
N ARG A 57 5.83 25.09 15.64
CA ARG A 57 5.35 24.16 14.62
C ARG A 57 4.89 22.85 15.25
N GLY A 58 5.04 22.74 16.57
CA GLY A 58 4.65 21.53 17.26
C GLY A 58 3.59 21.79 18.32
N SER A 59 3.47 23.06 18.72
CA SER A 59 2.49 23.43 19.73
C SER A 59 1.41 24.34 19.15
#